data_7KG7
#
_entry.id   7KG7
#
_cell.length_a   66.607
_cell.length_b   89.038
_cell.length_c   94.799
_cell.angle_alpha   90.000
_cell.angle_beta   90.000
_cell.angle_gamma   90.000
#
_symmetry.space_group_name_H-M   'P 21 21 21'
#
loop_
_entity.id
_entity.type
_entity.pdbx_description
1 polymer 'Poly(ADP-ribose) glycohydrolase'
2 non-polymer 8-{[2-(1,1-dioxo-1lambda~6~,4-thiazinan-4-yl)ethyl]sulfanyl}-1,3-dimethyl-3,7-dihydro-1H-purine-2,6-dione
3 non-polymer 'DIMETHYL SULFOXIDE'
4 non-polymer 'SULFATE ION'
5 water water
#
_entity_poly.entity_id   1
_entity_poly.type   'polypeptide(L)'
_entity_poly.pdbx_seq_one_letter_code
;GSSPDKKWLGTPIEEMRRMPRCGIRLPLLRPSANHTVTIRVDLLRAGEVPKPFPTHYKDLWDNKHVKMPCSEQNLYPVED
ENGERTAGSRWELIQTALLNKFTRPQNLKDAILKYNVAYSKKWDFTALIDFWDKVLEEAEAQHLYQSILPDMVKIAL
(CME)LPNICTQPIPLLAAAMNHSITMSQEQIASLLANAFFCTFPRRNAKMKSEYSSYPDINFNRLFEGRSSRKPEKLKT
LFCYFRRVTAAAPTGLVTFTRQSLEDFPEWERCEKPLTRLHVTYEGTIEENGQGMLQVDFANRFVGGGVTSAGLVQEEIR
FLINPELIISRLFTEVLDHNECLIITGTEQYSEYTGYAETYRWSRSHEDGSERDDWQRRCTEIVAIDALHFRRYLDQFVP
EKMRRELNKAYCGFLRPGVSSENLSAVATGNWGCGAFGGDARLKALIQILAAAAAERDVVYFTFGDSELMRDIYSMHIFL
TERKLTVGDVYKLLLRYYNEECRNCSTPGPDIKLYPFIYHAVESCAETADHSGQRTGT
;
_entity_poly.pdbx_strand_id   A
#
# COMPACT_ATOMS: atom_id res chain seq x y z
N LYS A 6 19.79 20.72 13.71
CA LYS A 6 18.64 20.46 14.56
C LYS A 6 17.44 20.00 13.73
N LYS A 7 17.58 19.97 12.40
CA LYS A 7 16.52 19.44 11.56
C LYS A 7 16.51 17.91 11.56
N TRP A 8 17.67 17.30 11.78
CA TRP A 8 17.79 15.85 11.80
C TRP A 8 18.87 15.49 12.81
N LEU A 9 18.82 14.25 13.28
CA LEU A 9 19.75 13.76 14.29
C LEU A 9 20.19 12.35 13.94
N GLY A 10 21.40 12.00 14.36
CA GLY A 10 21.89 10.65 14.24
C GLY A 10 22.79 10.42 13.06
N THR A 11 22.67 9.26 12.43
CA THR A 11 23.49 8.94 11.27
C THR A 11 23.03 9.79 10.09
N PRO A 12 23.94 10.44 9.37
CA PRO A 12 23.52 11.15 8.15
C PRO A 12 22.76 10.22 7.23
N ILE A 13 21.72 10.76 6.58
CA ILE A 13 20.92 9.93 5.70
C ILE A 13 21.75 9.48 4.49
N GLU A 14 22.79 10.24 4.13
CA GLU A 14 23.64 9.87 3.01
C GLU A 14 24.41 8.57 3.26
N GLU A 15 24.52 8.15 4.52
CA GLU A 15 25.25 6.92 4.85
C GLU A 15 24.33 5.71 4.91
N MET A 16 23.02 5.89 4.74
CA MET A 16 22.08 4.79 4.75
C MET A 16 22.04 4.11 3.39
N ARG A 17 21.77 2.80 3.41
CA ARG A 17 21.71 2.03 2.17
C ARG A 17 20.42 2.30 1.43
N ARG A 18 20.53 2.44 0.11
CA ARG A 18 19.40 2.69 -0.79
C ARG A 18 19.52 1.78 -2.01
N MET A 19 18.37 1.41 -2.57
CA MET A 19 18.34 0.79 -3.89
C MET A 19 18.40 1.88 -4.96
N PRO A 20 18.98 1.56 -6.14
CA PRO A 20 19.50 0.25 -6.54
C PRO A 20 20.94 -0.02 -6.10
N ARG A 21 21.64 1.00 -5.60
CA ARG A 21 23.08 0.87 -5.38
C ARG A 21 23.42 -0.30 -4.45
N CYS A 22 22.57 -0.58 -3.45
CA CYS A 22 22.87 -1.61 -2.47
C CYS A 22 22.38 -3.00 -2.87
N GLY A 23 21.58 -3.11 -3.92
CA GLY A 23 20.96 -4.37 -4.26
C GLY A 23 21.93 -5.36 -4.86
N ILE A 24 21.53 -6.62 -4.83
CA ILE A 24 22.28 -7.69 -5.47
C ILE A 24 21.71 -7.91 -6.87
N ARG A 25 22.52 -8.50 -7.74
CA ARG A 25 22.06 -8.87 -9.07
C ARG A 25 20.77 -9.68 -8.96
N LEU A 26 19.74 -9.23 -9.65
CA LEU A 26 18.48 -9.96 -9.63
C LEU A 26 18.62 -11.26 -10.39
N PRO A 27 18.04 -12.35 -9.91
CA PRO A 27 17.98 -13.58 -10.70
C PRO A 27 17.14 -13.38 -11.96
N LEU A 28 17.21 -14.36 -12.84
CA LEU A 28 16.40 -14.33 -14.06
C LEU A 28 14.93 -14.34 -13.68
N LEU A 29 14.17 -13.40 -14.23
CA LEU A 29 12.73 -13.36 -13.99
C LEU A 29 12.08 -14.57 -14.67
N ARG A 30 11.41 -15.40 -13.88
CA ARG A 30 10.83 -16.62 -14.43
C ARG A 30 9.61 -17.01 -13.60
N PRO A 31 8.54 -17.49 -14.22
CA PRO A 31 7.44 -18.04 -13.44
C PRO A 31 7.86 -19.30 -12.72
N SER A 32 7.20 -19.58 -11.60
CA SER A 32 7.47 -20.77 -10.81
C SER A 32 6.26 -21.04 -9.94
N ALA A 33 6.37 -22.07 -9.10
CA ALA A 33 5.26 -22.43 -8.23
C ALA A 33 4.86 -21.28 -7.32
N ASN A 34 5.80 -20.42 -6.93
CA ASN A 34 5.52 -19.31 -6.02
C ASN A 34 5.66 -17.95 -6.69
N HIS A 35 5.77 -17.89 -8.01
CA HIS A 35 5.89 -16.62 -8.72
C HIS A 35 5.09 -16.68 -10.01
N THR A 36 4.01 -15.90 -10.07
CA THR A 36 3.21 -15.74 -11.27
C THR A 36 3.75 -14.57 -12.08
N VAL A 37 4.04 -14.80 -13.37
CA VAL A 37 4.58 -13.77 -14.25
C VAL A 37 3.70 -13.70 -15.50
N THR A 38 3.10 -12.54 -15.73
CA THR A 38 2.02 -12.40 -16.72
C THR A 38 2.48 -11.77 -18.03
N ILE A 39 3.79 -11.74 -18.29
CA ILE A 39 4.35 -11.08 -19.45
C ILE A 39 5.47 -11.96 -20.02
N ARG A 40 5.87 -11.65 -21.25
CA ARG A 40 6.89 -12.42 -21.96
C ARG A 40 8.26 -11.96 -21.47
N VAL A 41 8.89 -12.76 -20.60
CA VAL A 41 10.19 -12.38 -20.07
C VAL A 41 11.23 -12.30 -21.19
N ASP A 42 11.13 -13.21 -22.16
CA ASP A 42 12.12 -13.23 -23.25
C ASP A 42 12.07 -11.97 -24.11
N LEU A 43 10.97 -11.23 -24.07
CA LEU A 43 10.79 -10.01 -24.85
C LEU A 43 10.79 -8.75 -23.99
N LEU A 44 11.10 -8.86 -22.71
CA LEU A 44 11.13 -7.70 -21.84
C LEU A 44 12.33 -6.83 -22.20
N ARG A 45 12.07 -5.58 -22.58
CA ARG A 45 13.14 -4.67 -22.97
C ARG A 45 12.83 -3.27 -22.46
N ALA A 46 13.87 -2.57 -22.00
CA ALA A 46 13.71 -1.22 -21.50
C ALA A 46 13.03 -0.34 -22.54
N GLY A 47 12.02 0.40 -22.11
CA GLY A 47 11.34 1.34 -22.97
C GLY A 47 10.32 0.74 -23.90
N GLU A 48 10.10 -0.57 -23.84
CA GLU A 48 9.13 -1.26 -24.67
C GLU A 48 7.96 -1.74 -23.82
N VAL A 49 6.75 -1.58 -24.33
CA VAL A 49 5.58 -2.12 -23.62
C VAL A 49 5.71 -3.63 -23.54
N PRO A 50 5.58 -4.24 -22.36
CA PRO A 50 5.69 -5.70 -22.26
C PRO A 50 4.56 -6.41 -22.98
N LYS A 51 4.90 -7.57 -23.58
CA LYS A 51 3.90 -8.40 -24.26
C LYS A 51 3.26 -9.36 -23.27
N PRO A 52 1.93 -9.43 -23.22
CA PRO A 52 1.29 -10.38 -22.32
C PRO A 52 1.66 -11.82 -22.67
N PHE A 53 1.75 -12.65 -21.63
CA PHE A 53 1.84 -14.08 -21.80
C PHE A 53 0.72 -14.74 -21.00
N PRO A 54 -0.06 -15.66 -21.60
CA PRO A 54 0.04 -16.16 -22.98
C PRO A 54 -0.54 -15.18 -23.99
N THR A 55 -0.51 -15.58 -25.27
CA THR A 55 -0.96 -14.70 -26.34
C THR A 55 -2.48 -14.59 -26.38
N HIS A 56 -3.19 -15.70 -26.21
CA HIS A 56 -4.64 -15.73 -26.22
C HIS A 56 -5.18 -15.79 -24.80
N TYR A 57 -6.31 -15.12 -24.56
CA TYR A 57 -6.91 -15.09 -23.23
C TYR A 57 -7.16 -16.49 -22.71
N LYS A 58 -6.81 -16.69 -21.43
CA LYS A 58 -7.08 -17.92 -20.70
C LYS A 58 -7.84 -17.56 -19.44
N ASP A 59 -8.91 -18.30 -19.15
CA ASP A 59 -9.82 -17.97 -18.06
C ASP A 59 -9.76 -19.03 -16.98
N LEU A 60 -9.78 -18.58 -15.73
CA LEU A 60 -10.06 -19.44 -14.58
C LEU A 60 -11.09 -18.75 -13.72
N TRP A 61 -12.17 -19.47 -13.39
CA TRP A 61 -13.31 -18.94 -12.64
C TRP A 61 -13.50 -19.90 -11.46
N ASP A 62 -12.77 -19.66 -10.38
CA ASP A 62 -12.78 -20.54 -9.22
C ASP A 62 -12.40 -19.73 -7.99
N ASN A 63 -12.28 -20.42 -6.85
CA ASN A 63 -12.05 -19.73 -5.58
C ASN A 63 -10.58 -19.44 -5.30
N LYS A 64 -9.68 -19.71 -6.25
CA LYS A 64 -8.27 -19.40 -6.08
C LYS A 64 -7.76 -18.30 -7.01
N HIS A 65 -8.64 -17.72 -7.83
CA HIS A 65 -8.20 -16.74 -8.82
C HIS A 65 -9.19 -15.58 -8.88
N VAL A 66 -8.69 -14.45 -9.37
CA VAL A 66 -9.57 -13.31 -9.64
C VAL A 66 -10.65 -13.74 -10.62
N LYS A 67 -11.89 -13.34 -10.33
CA LYS A 67 -13.01 -13.54 -11.25
C LYS A 67 -13.04 -12.36 -12.21
N MET A 68 -12.58 -12.59 -13.44
CA MET A 68 -12.41 -11.50 -14.39
C MET A 68 -13.77 -11.06 -14.94
N PRO A 69 -13.98 -9.77 -15.16
CA PRO A 69 -15.27 -9.34 -15.74
C PRO A 69 -15.48 -9.85 -17.15
N CYS A 70 -14.42 -10.17 -17.88
CA CYS A 70 -14.54 -10.65 -19.25
C CYS A 70 -14.69 -12.15 -19.35
N SER A 71 -14.75 -12.86 -18.21
CA SER A 71 -14.95 -14.31 -18.24
C SER A 71 -16.28 -14.66 -18.88
N GLU A 72 -16.28 -15.72 -19.70
CA GLU A 72 -17.53 -16.23 -20.23
C GLU A 72 -18.45 -16.75 -19.14
N GLN A 73 -17.94 -16.96 -17.92
CA GLN A 73 -18.77 -17.40 -16.81
C GLN A 73 -19.35 -16.24 -16.00
N ASN A 74 -19.01 -15.00 -16.36
CA ASN A 74 -19.61 -13.83 -15.73
C ASN A 74 -20.96 -13.59 -16.40
N LEU A 75 -22.00 -14.17 -15.81
CA LEU A 75 -23.33 -14.18 -16.38
C LEU A 75 -24.31 -13.42 -15.49
N TYR A 76 -25.49 -13.13 -16.04
CA TYR A 76 -26.54 -12.50 -15.26
C TYR A 76 -27.87 -13.09 -15.70
N PRO A 77 -28.70 -13.57 -14.75
CA PRO A 77 -30.03 -14.10 -15.07
C PRO A 77 -30.90 -13.11 -15.84
N ALA A 87 -29.83 -16.75 -18.73
CA ALA A 87 -28.56 -16.10 -18.42
C ALA A 87 -27.98 -15.40 -19.65
N GLY A 88 -27.47 -14.18 -19.45
CA GLY A 88 -26.81 -13.43 -20.49
C GLY A 88 -25.38 -13.11 -20.08
N SER A 89 -24.59 -12.65 -21.05
CA SER A 89 -23.18 -12.35 -20.81
C SER A 89 -22.99 -10.96 -20.23
N ARG A 90 -22.48 -10.89 -18.99
CA ARG A 90 -22.28 -9.59 -18.37
C ARG A 90 -21.21 -8.79 -19.11
N TRP A 91 -20.19 -9.46 -19.65
CA TRP A 91 -19.17 -8.73 -20.41
C TRP A 91 -19.78 -8.06 -21.63
N GLU A 92 -20.66 -8.78 -22.35
CA GLU A 92 -21.37 -8.17 -23.47
C GLU A 92 -22.17 -6.94 -23.01
N LEU A 93 -22.81 -7.05 -21.85
CA LEU A 93 -23.58 -5.92 -21.32
C LEU A 93 -22.68 -4.74 -20.98
N ILE A 94 -21.55 -5.01 -20.31
CA ILE A 94 -20.60 -3.95 -19.99
C ILE A 94 -20.15 -3.23 -21.25
N GLN A 95 -19.87 -3.99 -22.31
CA GLN A 95 -19.44 -3.36 -23.57
C GLN A 95 -20.53 -2.45 -24.11
N THR A 96 -21.75 -2.95 -24.22
CA THR A 96 -22.85 -2.13 -24.73
C THR A 96 -23.04 -0.88 -23.89
N ALA A 97 -22.98 -1.03 -22.56
CA ALA A 97 -23.22 0.10 -21.68
C ALA A 97 -22.13 1.16 -21.83
N LEU A 98 -20.85 0.74 -21.85
CA LEU A 98 -19.77 1.72 -21.80
C LEU A 98 -19.43 2.33 -23.15
N LEU A 99 -19.87 1.72 -24.25
CA LEU A 99 -19.60 2.27 -25.58
C LEU A 99 -20.70 3.25 -26.02
N ASN A 100 -21.00 4.18 -25.14
CA ASN A 100 -21.95 5.25 -25.42
C ASN A 100 -21.26 6.57 -25.15
N LYS A 101 -21.70 7.61 -25.85
CA LYS A 101 -21.15 8.93 -25.61
C LYS A 101 -21.61 9.42 -24.23
N PHE A 102 -20.66 9.88 -23.43
CA PHE A 102 -20.96 10.58 -22.20
C PHE A 102 -20.83 12.08 -22.45
N THR A 103 -21.86 12.83 -22.09
CA THR A 103 -21.80 14.29 -22.11
C THR A 103 -22.21 14.91 -20.79
N ARG A 104 -22.85 14.14 -19.90
CA ARG A 104 -23.31 14.61 -18.60
C ARG A 104 -23.04 13.50 -17.59
N PRO A 105 -22.80 13.84 -16.33
CA PRO A 105 -22.46 12.80 -15.35
C PRO A 105 -23.54 11.74 -15.21
N GLN A 106 -24.81 12.09 -15.39
CA GLN A 106 -25.86 11.08 -15.31
C GLN A 106 -25.66 9.98 -16.35
N ASN A 107 -25.07 10.31 -17.50
CA ASN A 107 -24.81 9.28 -18.51
C ASN A 107 -23.87 8.23 -17.97
N LEU A 108 -22.85 8.64 -17.21
CA LEU A 108 -21.89 7.67 -16.69
C LEU A 108 -22.48 6.86 -15.56
N LYS A 109 -23.25 7.52 -14.67
CA LYS A 109 -23.97 6.78 -13.65
C LYS A 109 -24.86 5.71 -14.27
N ASP A 110 -25.66 6.10 -15.27
CA ASP A 110 -26.60 5.15 -15.88
C ASP A 110 -25.86 3.99 -16.54
N ALA A 111 -24.72 4.26 -17.16
CA ALA A 111 -23.94 3.21 -17.80
C ALA A 111 -23.44 2.20 -16.77
N ILE A 112 -22.84 2.68 -15.69
CA ILE A 112 -22.31 1.78 -14.65
C ILE A 112 -23.44 0.94 -14.06
N LEU A 113 -24.62 1.54 -13.87
CA LEU A 113 -25.71 0.82 -13.24
C LEU A 113 -26.38 -0.19 -14.17
N LYS A 114 -26.17 -0.10 -15.49
CA LYS A 114 -26.77 -1.06 -16.40
C LYS A 114 -26.32 -2.49 -16.10
N TYR A 115 -25.07 -2.67 -15.67
CA TYR A 115 -24.57 -3.99 -15.29
C TYR A 115 -24.40 -4.11 -13.77
N ASN A 116 -25.06 -3.24 -13.01
CA ASN A 116 -25.09 -3.29 -11.55
C ASN A 116 -26.49 -2.98 -11.04
N VAL A 117 -27.51 -3.52 -11.72
CA VAL A 117 -28.89 -3.11 -11.44
C VAL A 117 -29.26 -3.35 -9.99
N ALA A 118 -28.68 -4.38 -9.37
CA ALA A 118 -29.02 -4.71 -7.99
C ALA A 118 -28.60 -3.63 -7.01
N TYR A 119 -27.72 -2.73 -7.42
CA TYR A 119 -27.20 -1.68 -6.56
C TYR A 119 -27.69 -0.29 -6.97
N SER A 120 -28.72 -0.24 -7.80
CA SER A 120 -29.19 1.04 -8.33
C SER A 120 -29.85 1.90 -7.25
N LYS A 121 -30.41 1.29 -6.22
CA LYS A 121 -30.96 2.01 -5.09
C LYS A 121 -30.01 2.10 -3.91
N LYS A 122 -28.82 1.51 -4.01
CA LYS A 122 -27.86 1.50 -2.92
C LYS A 122 -26.65 2.40 -3.18
N TRP A 123 -26.21 2.51 -4.42
CA TRP A 123 -25.03 3.29 -4.75
C TRP A 123 -25.40 4.75 -5.02
N ASP A 124 -24.73 5.65 -4.31
CA ASP A 124 -24.89 7.08 -4.49
C ASP A 124 -23.78 7.61 -5.39
N PHE A 125 -24.12 8.54 -6.28
CA PHE A 125 -23.15 9.12 -7.21
C PHE A 125 -22.97 10.62 -7.02
N THR A 126 -23.36 11.15 -5.85
CA THR A 126 -23.35 12.58 -5.61
C THR A 126 -21.96 13.19 -5.84
N ALA A 127 -20.91 12.51 -5.38
CA ALA A 127 -19.57 13.08 -5.50
C ALA A 127 -19.08 13.12 -6.94
N LEU A 128 -19.41 12.08 -7.72
CA LEU A 128 -19.08 12.08 -9.14
C LEU A 128 -19.81 13.22 -9.87
N ILE A 129 -21.10 13.37 -9.58
CA ILE A 129 -21.89 14.44 -10.20
C ILE A 129 -21.33 15.80 -9.79
N ASP A 130 -21.04 15.99 -8.50
CA ASP A 130 -20.53 17.27 -8.03
C ASP A 130 -19.16 17.58 -8.64
N PHE A 131 -18.28 16.58 -8.73
CA PHE A 131 -16.98 16.79 -9.32
C PHE A 131 -17.11 17.30 -10.76
N TRP A 132 -17.95 16.63 -11.54
CA TRP A 132 -18.09 16.94 -12.95
C TRP A 132 -18.80 18.27 -13.17
N ASP A 133 -19.91 18.49 -12.47
CA ASP A 133 -20.74 19.67 -12.67
C ASP A 133 -20.31 20.88 -11.85
N LYS A 134 -19.78 20.67 -10.64
CA LYS A 134 -19.62 21.75 -9.70
C LYS A 134 -18.18 22.06 -9.32
N VAL A 135 -17.25 21.16 -9.55
CA VAL A 135 -15.83 21.42 -9.29
C VAL A 135 -15.09 21.79 -10.57
N LEU A 136 -15.22 20.98 -11.62
CA LEU A 136 -14.50 21.23 -12.85
C LEU A 136 -15.08 22.44 -13.58
N GLU A 137 -14.20 23.21 -14.21
CA GLU A 137 -14.63 24.23 -15.17
C GLU A 137 -15.08 23.54 -16.46
N GLU A 138 -15.69 24.33 -17.35
CA GLU A 138 -16.30 23.74 -18.54
C GLU A 138 -15.27 23.01 -19.40
N ALA A 139 -14.09 23.61 -19.61
CA ALA A 139 -13.09 22.98 -20.46
C ALA A 139 -12.55 21.70 -19.85
N GLU A 140 -12.39 21.68 -18.53
CA GLU A 140 -11.92 20.46 -17.86
C GLU A 140 -12.97 19.36 -17.94
N ALA A 141 -14.24 19.71 -17.76
CA ALA A 141 -15.31 18.74 -17.93
C ALA A 141 -15.36 18.21 -19.37
N GLN A 142 -15.22 19.10 -20.35
CA GLN A 142 -15.25 18.66 -21.75
C GLN A 142 -14.10 17.70 -22.05
N HIS A 143 -12.92 17.99 -21.51
CA HIS A 143 -11.79 17.08 -21.72
C HIS A 143 -12.04 15.74 -21.04
N LEU A 144 -12.68 15.76 -19.86
CA LEU A 144 -12.98 14.53 -19.16
C LEU A 144 -13.87 13.61 -19.99
N TYR A 145 -14.96 14.14 -20.55
CA TYR A 145 -15.91 13.27 -21.24
C TYR A 145 -15.62 13.11 -22.72
N GLN A 146 -14.82 14.00 -23.32
CA GLN A 146 -14.45 13.81 -24.72
C GLN A 146 -13.19 12.98 -24.91
N SER A 147 -12.30 12.96 -23.92
CA SER A 147 -11.00 12.31 -24.08
C SER A 147 -10.72 11.26 -23.00
N ILE A 148 -10.69 11.69 -21.73
CA ILE A 148 -10.22 10.81 -20.66
C ILE A 148 -11.15 9.62 -20.47
N LEU A 149 -12.45 9.87 -20.31
CA LEU A 149 -13.36 8.75 -20.06
C LEU A 149 -13.46 7.79 -21.24
N PRO A 150 -13.56 8.24 -22.49
CA PRO A 150 -13.51 7.29 -23.60
C PRO A 150 -12.23 6.48 -23.67
N ASP A 151 -11.09 7.11 -23.35
CA ASP A 151 -9.83 6.37 -23.34
C ASP A 151 -9.80 5.35 -22.21
N MET A 152 -10.39 5.68 -21.06
CA MET A 152 -10.49 4.71 -19.97
C MET A 152 -11.38 3.55 -20.36
N VAL A 153 -12.51 3.83 -21.01
CA VAL A 153 -13.39 2.75 -21.49
C VAL A 153 -12.62 1.81 -22.40
N LYS A 154 -11.85 2.37 -23.34
CA LYS A 154 -11.16 1.54 -24.32
C LYS A 154 -10.14 0.63 -23.65
N ILE A 155 -9.36 1.14 -22.69
CA ILE A 155 -8.37 0.27 -22.05
C ILE A 155 -9.05 -0.75 -21.14
N ALA A 156 -10.17 -0.37 -20.50
CA ALA A 156 -10.95 -1.34 -19.73
C ALA A 156 -11.45 -2.47 -20.62
N LEU A 157 -12.02 -2.13 -21.76
CA LEU A 157 -12.62 -3.15 -22.62
C LEU A 157 -11.57 -3.98 -23.35
N LEU A 159 -9.31 -5.47 -21.78
CA LEU A 159 -8.82 -6.37 -20.74
C LEU A 159 -8.47 -7.80 -21.20
N PRO A 160 -9.32 -8.44 -22.01
CA PRO A 160 -9.03 -9.85 -22.39
C PRO A 160 -7.81 -10.00 -23.27
N ASN A 161 -7.40 -8.94 -23.97
CA ASN A 161 -6.18 -8.94 -24.75
C ASN A 161 -4.96 -8.51 -23.95
N ILE A 162 -5.17 -7.91 -22.80
CA ILE A 162 -4.09 -7.37 -21.97
C ILE A 162 -3.75 -8.30 -20.81
N CYS A 163 -4.76 -8.72 -20.05
CA CYS A 163 -4.57 -9.64 -18.92
C CYS A 163 -5.01 -11.04 -19.34
N THR A 164 -4.18 -11.64 -20.19
CA THR A 164 -4.49 -12.94 -20.76
C THR A 164 -4.30 -14.10 -19.79
N GLN A 165 -3.57 -13.89 -18.69
CA GLN A 165 -3.25 -15.00 -17.79
C GLN A 165 -4.01 -14.88 -16.48
N PRO A 166 -4.63 -15.97 -16.01
CA PRO A 166 -5.34 -15.90 -14.72
C PRO A 166 -4.46 -15.36 -13.60
N ILE A 167 -5.06 -14.55 -12.74
CA ILE A 167 -4.36 -13.90 -11.63
C ILE A 167 -4.71 -14.65 -10.35
N PRO A 168 -3.77 -15.29 -9.69
CA PRO A 168 -4.11 -15.99 -8.45
C PRO A 168 -4.38 -15.01 -7.32
N LEU A 169 -5.27 -15.41 -6.43
CA LEU A 169 -5.46 -14.67 -5.18
C LEU A 169 -4.27 -14.90 -4.28
N LEU A 170 -3.75 -13.82 -3.69
CA LEU A 170 -2.77 -13.94 -2.60
C LEU A 170 -3.55 -14.15 -1.33
N ALA A 171 -3.84 -15.41 -1.03
CA ALA A 171 -4.68 -15.78 0.10
C ALA A 171 -3.85 -15.88 1.39
N ALA A 172 -4.55 -15.84 2.52
CA ALA A 172 -3.88 -15.96 3.82
C ALA A 172 -2.97 -17.18 3.84
N ALA A 173 -1.80 -17.02 4.44
CA ALA A 173 -0.79 -18.06 4.61
C ALA A 173 -0.03 -18.38 3.33
N MET A 174 -0.35 -17.74 2.21
CA MET A 174 0.42 -17.96 1.00
C MET A 174 1.67 -17.10 1.00
N ASN A 175 2.78 -17.71 0.60
CA ASN A 175 4.01 -16.99 0.26
C ASN A 175 4.12 -17.05 -1.26
N HIS A 176 3.76 -15.95 -1.91
CA HIS A 176 3.58 -15.98 -3.36
C HIS A 176 3.72 -14.58 -3.91
N SER A 177 4.23 -14.50 -5.14
CA SER A 177 4.46 -13.23 -5.81
C SER A 177 3.73 -13.21 -7.15
N ILE A 178 3.26 -12.03 -7.52
CA ILE A 178 2.70 -11.77 -8.85
C ILE A 178 3.48 -10.60 -9.45
N THR A 179 4.06 -10.81 -10.63
CA THR A 179 4.71 -9.74 -11.38
C THR A 179 3.95 -9.53 -12.68
N MET A 180 3.51 -8.29 -12.90
CA MET A 180 2.65 -7.92 -14.01
C MET A 180 3.12 -6.57 -14.53
N SER A 181 2.62 -6.18 -15.70
CA SER A 181 3.04 -4.89 -16.26
C SER A 181 2.17 -3.75 -15.73
N GLN A 182 2.76 -2.56 -15.69
CA GLN A 182 2.00 -1.36 -15.38
C GLN A 182 0.81 -1.20 -16.33
N GLU A 183 0.98 -1.60 -17.60
CA GLU A 183 -0.13 -1.50 -18.53
C GLU A 183 -1.28 -2.42 -18.13
N GLN A 184 -0.97 -3.65 -17.73
CA GLN A 184 -2.00 -4.56 -17.26
C GLN A 184 -2.71 -4.00 -16.04
N ILE A 185 -1.96 -3.41 -15.11
CA ILE A 185 -2.57 -2.78 -13.95
C ILE A 185 -3.52 -1.67 -14.36
N ALA A 186 -3.15 -0.90 -15.38
CA ALA A 186 -4.01 0.20 -15.81
C ALA A 186 -5.34 -0.29 -16.36
N SER A 187 -5.32 -1.37 -17.14
CA SER A 187 -6.56 -1.94 -17.65
C SER A 187 -7.45 -2.43 -16.51
N LEU A 188 -6.86 -3.10 -15.52
CA LEU A 188 -7.63 -3.59 -14.38
C LEU A 188 -8.20 -2.44 -13.56
N LEU A 189 -7.39 -1.38 -13.33
CA LEU A 189 -7.91 -0.26 -12.56
C LEU A 189 -8.98 0.51 -13.31
N ALA A 190 -8.93 0.55 -14.65
CA ALA A 190 -10.01 1.18 -15.40
C ALA A 190 -11.31 0.40 -15.20
N ASN A 191 -11.21 -0.92 -15.19
CA ASN A 191 -12.38 -1.74 -14.85
C ASN A 191 -12.88 -1.44 -13.44
N ALA A 192 -11.97 -1.33 -12.47
CA ALA A 192 -12.40 -0.98 -11.11
C ALA A 192 -13.13 0.35 -11.09
N PHE A 193 -12.65 1.33 -11.83
CA PHE A 193 -13.33 2.62 -11.90
C PHE A 193 -14.75 2.45 -12.40
N PHE A 194 -14.94 1.68 -13.47
CA PHE A 194 -16.27 1.44 -14.02
C PHE A 194 -17.03 0.36 -13.25
N CYS A 195 -16.46 -0.14 -12.15
CA CYS A 195 -17.16 -1.06 -11.23
C CYS A 195 -17.56 -2.38 -11.89
N THR A 196 -16.65 -2.96 -12.69
CA THR A 196 -17.01 -4.16 -13.47
C THR A 196 -16.64 -5.47 -12.80
N PHE A 197 -15.92 -5.47 -11.69
CA PHE A 197 -15.48 -6.74 -11.11
C PHE A 197 -16.64 -7.45 -10.43
N PRO A 198 -16.96 -8.68 -10.82
CA PRO A 198 -18.12 -9.37 -10.25
C PRO A 198 -17.80 -10.03 -8.91
N ARG A 199 -18.86 -10.24 -8.13
CA ARG A 199 -18.80 -10.86 -6.80
C ARG A 199 -18.04 -10.03 -5.79
N ARG A 200 -17.82 -8.74 -6.04
CA ARG A 200 -17.04 -7.89 -5.14
C ARG A 200 -17.87 -6.75 -4.55
N ASN A 201 -19.21 -6.84 -4.58
CA ASN A 201 -20.04 -5.70 -4.24
C ASN A 201 -20.95 -5.89 -3.04
N ALA A 202 -21.47 -7.10 -2.80
CA ALA A 202 -22.51 -7.27 -1.81
C ALA A 202 -21.99 -7.03 -0.40
N LYS A 203 -22.76 -6.27 0.39
CA LYS A 203 -22.38 -6.04 1.78
C LYS A 203 -22.29 -7.34 2.56
N MET A 204 -23.23 -8.26 2.31
CA MET A 204 -23.32 -9.51 3.06
C MET A 204 -22.88 -10.70 2.23
N LYS A 205 -21.69 -10.64 1.64
CA LYS A 205 -21.21 -11.73 0.81
C LYS A 205 -20.32 -12.67 1.62
N SER A 206 -20.29 -13.94 1.19
CA SER A 206 -19.38 -14.92 1.76
C SER A 206 -18.05 -14.92 1.01
N GLU A 207 -18.09 -15.28 -0.27
CA GLU A 207 -16.90 -15.16 -1.09
C GLU A 207 -16.42 -13.72 -1.08
N TYR A 208 -15.11 -13.53 -0.92
CA TYR A 208 -14.45 -12.24 -0.94
C TYR A 208 -14.78 -11.35 0.25
N SER A 209 -15.45 -11.88 1.28
CA SER A 209 -15.71 -11.07 2.47
C SER A 209 -14.42 -10.73 3.22
N SER A 210 -13.38 -11.53 3.06
CA SER A 210 -12.08 -11.27 3.66
C SER A 210 -11.13 -10.52 2.73
N TYR A 211 -11.66 -9.92 1.65
CA TYR A 211 -10.87 -9.13 0.72
C TYR A 211 -11.35 -7.68 0.72
N PRO A 212 -10.47 -6.72 0.40
CA PRO A 212 -10.90 -5.32 0.37
C PRO A 212 -11.83 -5.05 -0.81
N ASP A 213 -12.54 -3.93 -0.73
CA ASP A 213 -13.28 -3.45 -1.89
C ASP A 213 -12.29 -3.14 -3.02
N ILE A 214 -12.72 -3.39 -4.26
CA ILE A 214 -11.92 -3.04 -5.42
C ILE A 214 -12.68 -2.10 -6.36
N ASN A 215 -13.97 -2.34 -6.58
CA ASN A 215 -14.73 -1.42 -7.43
C ASN A 215 -14.81 -0.06 -6.75
N PHE A 216 -14.83 1.00 -7.56
CA PHE A 216 -14.67 2.36 -7.08
C PHE A 216 -15.97 3.06 -6.69
N ASN A 217 -17.08 2.32 -6.54
CA ASN A 217 -18.37 3.00 -6.41
C ASN A 217 -18.41 3.93 -5.19
N ARG A 218 -17.72 3.58 -4.10
CA ARG A 218 -17.78 4.44 -2.92
C ARG A 218 -17.00 5.73 -3.09
N LEU A 219 -16.16 5.84 -4.11
CA LEU A 219 -15.56 7.14 -4.42
C LEU A 219 -16.57 8.12 -4.99
N PHE A 220 -17.70 7.62 -5.50
CA PHE A 220 -18.71 8.47 -6.12
C PHE A 220 -19.78 8.95 -5.15
N GLU A 221 -19.80 8.49 -3.91
CA GLU A 221 -20.90 8.78 -3.00
C GLU A 221 -20.55 9.92 -2.04
N GLY A 222 -21.57 10.69 -1.66
CA GLY A 222 -21.41 11.69 -0.60
C GLY A 222 -20.93 13.04 -1.09
N ARG A 223 -20.64 13.94 -0.13
CA ARG A 223 -20.34 15.33 -0.46
C ARG A 223 -19.07 15.85 0.18
N SER A 224 -18.15 14.99 0.57
CA SER A 224 -16.95 15.50 1.19
C SER A 224 -16.15 16.32 0.19
N SER A 225 -15.48 17.35 0.69
CA SER A 225 -14.52 18.07 -0.14
C SER A 225 -13.32 17.21 -0.48
N ARG A 226 -13.21 16.02 0.11
CA ARG A 226 -12.07 15.13 -0.16
C ARG A 226 -12.25 14.35 -1.44
N LYS A 227 -13.48 13.93 -1.74
CA LYS A 227 -13.71 13.11 -2.93
C LYS A 227 -13.24 13.80 -4.21
N PRO A 228 -13.53 15.09 -4.44
CA PRO A 228 -12.97 15.75 -5.64
C PRO A 228 -11.46 15.69 -5.70
N GLU A 229 -10.77 15.85 -4.58
CA GLU A 229 -9.31 15.77 -4.61
C GLU A 229 -8.87 14.36 -4.94
N LYS A 230 -9.56 13.35 -4.42
CA LYS A 230 -9.24 11.97 -4.78
C LYS A 230 -9.43 11.74 -6.26
N LEU A 231 -10.53 12.26 -6.81
CA LEU A 231 -10.83 12.07 -8.22
C LEU A 231 -9.83 12.80 -9.11
N LYS A 232 -9.43 14.02 -8.73
CA LYS A 232 -8.36 14.70 -9.47
C LYS A 232 -7.08 13.87 -9.49
N THR A 233 -6.74 13.25 -8.35
CA THR A 233 -5.51 12.49 -8.28
C THR A 233 -5.59 11.26 -9.17
N LEU A 234 -6.74 10.59 -9.18
CA LEU A 234 -6.89 9.37 -9.97
C LEU A 234 -7.01 9.67 -11.46
N PHE A 235 -7.73 10.75 -11.82
CA PHE A 235 -7.82 11.10 -13.24
C PHE A 235 -6.48 11.56 -13.79
N CYS A 236 -5.63 12.15 -12.95
CA CYS A 236 -4.26 12.46 -13.38
C CYS A 236 -3.54 11.19 -13.82
N TYR A 237 -3.64 10.14 -13.00
CA TYR A 237 -3.07 8.85 -13.35
C TYR A 237 -3.70 8.31 -14.64
N PHE A 238 -5.03 8.27 -14.71
CA PHE A 238 -5.69 7.68 -15.87
C PHE A 238 -5.34 8.43 -17.14
N ARG A 239 -5.29 9.77 -17.06
CA ARG A 239 -4.90 10.57 -18.21
C ARG A 239 -3.51 10.19 -18.69
N ARG A 240 -2.58 9.98 -17.76
CA ARG A 240 -1.20 9.66 -18.13
C ARG A 240 -1.10 8.29 -18.79
N VAL A 241 -1.72 7.26 -18.20
CA VAL A 241 -1.46 5.91 -18.66
C VAL A 241 -2.29 5.53 -19.87
N THR A 242 -3.39 6.25 -20.15
CA THR A 242 -4.08 6.01 -21.42
C THR A 242 -3.43 6.76 -22.56
N ALA A 243 -2.75 7.88 -22.28
CA ALA A 243 -2.12 8.65 -23.35
C ALA A 243 -0.83 7.98 -23.82
N ALA A 244 -0.05 7.44 -22.89
CA ALA A 244 1.18 6.73 -23.22
C ALA A 244 1.32 5.57 -22.25
N ALA A 245 1.29 4.36 -22.79
CA ALA A 245 1.33 3.17 -21.95
C ALA A 245 2.62 3.16 -21.14
N PRO A 246 2.55 2.97 -19.83
CA PRO A 246 3.78 2.74 -19.06
C PRO A 246 4.41 1.42 -19.48
N THR A 247 5.74 1.34 -19.36
CA THR A 247 6.49 0.23 -19.92
C THR A 247 7.05 -0.74 -18.88
N GLY A 248 6.94 -0.43 -17.59
CA GLY A 248 7.60 -1.22 -16.56
C GLY A 248 6.72 -2.32 -15.98
N LEU A 249 7.28 -2.98 -14.97
CA LEU A 249 6.63 -4.06 -14.24
C LEU A 249 6.47 -3.71 -12.76
N VAL A 250 5.57 -4.42 -12.10
CA VAL A 250 5.34 -4.28 -10.65
C VAL A 250 5.19 -5.68 -10.07
N THR A 251 5.82 -5.91 -8.92
CA THR A 251 5.72 -7.18 -8.22
C THR A 251 4.93 -7.00 -6.93
N PHE A 252 4.02 -7.94 -6.65
CA PHE A 252 3.26 -7.97 -5.42
C PHE A 252 3.60 -9.29 -4.71
N THR A 253 4.10 -9.20 -3.48
CA THR A 253 4.52 -10.38 -2.75
C THR A 253 3.84 -10.42 -1.39
N ARG A 254 3.07 -11.47 -1.15
CA ARG A 254 2.55 -11.74 0.18
C ARG A 254 3.59 -12.57 0.93
N GLN A 255 3.95 -12.11 2.13
CA GLN A 255 4.94 -12.79 2.97
C GLN A 255 4.31 -13.11 4.31
N SER A 256 4.44 -14.38 4.71
CA SER A 256 3.83 -14.93 5.92
C SER A 256 4.90 -15.76 6.62
N LEU A 257 5.33 -15.32 7.80
CA LEU A 257 6.43 -15.98 8.52
C LEU A 257 5.89 -16.88 9.63
N GLU A 258 6.64 -17.94 9.90
CA GLU A 258 6.29 -18.89 10.95
C GLU A 258 7.24 -18.83 12.14
N ASP A 259 8.54 -18.63 11.91
CA ASP A 259 9.53 -18.61 12.98
C ASP A 259 9.84 -17.15 13.32
N PHE A 260 9.38 -16.72 14.49
CA PHE A 260 9.62 -15.36 14.95
C PHE A 260 10.65 -15.36 16.08
N PRO A 261 11.43 -14.29 16.22
CA PRO A 261 12.51 -14.29 17.20
C PRO A 261 11.97 -14.49 18.62
N GLU A 262 12.80 -15.09 19.46
CA GLU A 262 12.58 -15.11 20.91
C GLU A 262 13.11 -13.78 21.45
N TRP A 263 12.23 -12.78 21.50
CA TRP A 263 12.67 -11.40 21.67
C TRP A 263 13.43 -11.20 22.97
N GLU A 264 12.98 -11.84 24.05
CA GLU A 264 13.68 -11.72 25.32
C GLU A 264 15.11 -12.24 25.24
N ARG A 265 15.39 -13.15 24.30
CA ARG A 265 16.69 -13.82 24.20
C ARG A 265 17.52 -13.32 23.03
N CYS A 266 17.04 -12.35 22.26
CA CYS A 266 17.76 -11.89 21.09
C CYS A 266 18.99 -11.09 21.50
N GLU A 267 20.16 -11.53 21.06
CA GLU A 267 21.43 -10.90 21.44
C GLU A 267 21.94 -9.93 20.39
N LYS A 268 21.15 -9.62 19.37
CA LYS A 268 21.59 -8.70 18.33
C LYS A 268 21.65 -7.27 18.87
N PRO A 269 22.60 -6.47 18.39
CA PRO A 269 22.66 -5.07 18.80
C PRO A 269 21.72 -4.21 17.96
N LEU A 270 21.46 -3.01 18.44
CA LEU A 270 20.68 -2.07 17.64
C LEU A 270 21.48 -1.65 16.41
N THR A 271 20.76 -1.18 15.40
CA THR A 271 21.35 -0.69 14.17
C THR A 271 21.36 0.84 14.19
N ARG A 272 21.66 1.45 13.05
CA ARG A 272 21.80 2.89 12.96
C ARG A 272 20.45 3.58 12.81
N LEU A 273 20.41 4.84 13.23
CA LEU A 273 19.20 5.65 13.19
C LEU A 273 19.50 7.03 12.62
N HIS A 274 18.66 7.44 11.68
CA HIS A 274 18.52 8.83 11.24
C HIS A 274 17.09 9.23 11.56
N VAL A 275 16.90 10.30 12.33
CA VAL A 275 15.56 10.74 12.71
C VAL A 275 15.45 12.24 12.46
N THR A 276 14.31 12.65 11.87
CA THR A 276 14.13 14.01 11.40
C THR A 276 12.66 14.39 11.48
N TYR A 277 12.39 15.67 11.73
CA TYR A 277 11.01 16.15 11.74
C TYR A 277 10.61 16.82 10.44
N GLU A 278 11.51 16.89 9.45
CA GLU A 278 11.18 17.36 8.12
C GLU A 278 11.26 16.20 7.13
N GLY A 279 10.56 16.35 6.02
CA GLY A 279 10.59 15.37 4.95
C GLY A 279 9.47 14.34 5.06
N THR A 280 9.40 13.51 4.03
CA THR A 280 8.39 12.46 3.93
C THR A 280 9.04 11.13 3.55
N ILE A 281 8.34 10.05 3.89
CA ILE A 281 8.79 8.71 3.51
C ILE A 281 8.98 8.61 2.00
N GLU A 282 8.01 9.11 1.23
CA GLU A 282 8.02 8.86 -0.22
C GLU A 282 9.03 9.73 -0.96
N GLU A 283 9.34 10.93 -0.46
CA GLU A 283 10.29 11.79 -1.14
C GLU A 283 11.71 11.67 -0.61
N ASN A 284 11.87 11.63 0.71
CA ASN A 284 13.19 11.57 1.32
C ASN A 284 13.66 10.14 1.60
N GLY A 285 12.77 9.15 1.48
CA GLY A 285 13.16 7.76 1.61
C GLY A 285 13.26 7.06 0.27
N GLN A 286 13.64 7.78 -0.77
CA GLN A 286 13.78 7.18 -2.10
C GLN A 286 14.76 6.00 -2.05
N GLY A 287 14.34 4.86 -2.59
CA GLY A 287 15.19 3.69 -2.64
C GLY A 287 15.28 2.93 -1.33
N MET A 288 14.57 3.36 -0.31
CA MET A 288 14.54 2.65 0.96
C MET A 288 13.27 1.83 1.05
N LEU A 289 13.23 0.92 2.02
CA LEU A 289 12.00 0.17 2.28
C LEU A 289 11.00 1.11 2.93
N GLN A 290 9.97 1.48 2.20
CA GLN A 290 9.04 2.52 2.62
C GLN A 290 7.82 1.88 3.27
N VAL A 291 7.54 2.28 4.50
CA VAL A 291 6.46 1.66 5.26
C VAL A 291 5.14 2.33 4.88
N ASP A 292 4.14 1.50 4.62
CA ASP A 292 2.75 1.92 4.49
C ASP A 292 2.06 1.57 5.81
N PHE A 293 1.57 2.61 6.52
CA PHE A 293 0.82 2.43 7.77
C PHE A 293 -0.56 1.87 7.42
N ALA A 294 -0.61 0.55 7.23
CA ALA A 294 -1.72 -0.06 6.51
C ALA A 294 -2.88 -0.43 7.43
N ASN A 295 -4.04 -0.59 6.83
CA ASN A 295 -5.13 -1.36 7.41
C ASN A 295 -4.94 -2.83 7.04
N ARG A 296 -5.50 -3.72 7.86
CA ARG A 296 -5.38 -5.13 7.54
C ARG A 296 -6.02 -5.46 6.19
N PHE A 297 -7.03 -4.69 5.79
CA PHE A 297 -7.50 -4.66 4.40
C PHE A 297 -6.63 -3.63 3.67
N VAL A 298 -5.64 -4.11 2.91
CA VAL A 298 -4.62 -3.21 2.38
C VAL A 298 -5.29 -2.10 1.58
N GLY A 299 -4.75 -0.88 1.71
CA GLY A 299 -5.32 0.30 1.10
C GLY A 299 -6.35 1.02 1.94
N GLY A 300 -6.85 0.37 3.01
CA GLY A 300 -7.77 1.04 3.91
C GLY A 300 -8.97 1.60 3.18
N GLY A 301 -9.25 2.88 3.41
CA GLY A 301 -10.40 3.51 2.78
C GLY A 301 -10.07 4.27 1.50
N VAL A 302 -9.09 3.80 0.72
CA VAL A 302 -8.68 4.58 -0.45
C VAL A 302 -9.84 4.71 -1.43
N THR A 303 -10.61 3.65 -1.64
CA THR A 303 -11.74 3.67 -2.56
C THR A 303 -13.02 4.17 -1.90
N SER A 304 -12.94 4.71 -0.69
CA SER A 304 -14.10 5.29 -0.01
C SER A 304 -13.73 6.62 0.64
N ALA A 305 -13.79 6.74 1.97
CA ALA A 305 -13.62 8.04 2.60
C ALA A 305 -12.21 8.31 3.16
N GLY A 306 -11.38 7.29 3.35
CA GLY A 306 -10.12 7.51 4.05
C GLY A 306 -9.14 8.36 3.26
N LEU A 307 -8.35 9.17 4.00
CA LEU A 307 -7.37 10.02 3.33
C LEU A 307 -6.22 10.42 4.27
N VAL A 308 -5.64 9.44 4.96
CA VAL A 308 -4.40 9.66 5.70
C VAL A 308 -3.29 8.86 5.03
N GLN A 309 -2.24 8.49 5.78
CA GLN A 309 -0.97 8.13 5.16
C GLN A 309 -1.12 7.03 4.09
N GLU A 310 -1.84 5.95 4.42
CA GLU A 310 -1.93 4.85 3.46
C GLU A 310 -2.71 5.27 2.22
N GLU A 311 -3.89 5.87 2.42
CA GLU A 311 -4.73 6.23 1.29
C GLU A 311 -4.02 7.22 0.38
N ILE A 312 -3.33 8.20 0.96
CA ILE A 312 -2.60 9.16 0.16
C ILE A 312 -1.58 8.46 -0.73
N ARG A 313 -0.83 7.51 -0.16
CA ARG A 313 0.18 6.81 -0.97
C ARG A 313 -0.48 6.01 -2.08
N PHE A 314 -1.62 5.37 -1.79
CA PHE A 314 -2.33 4.60 -2.80
C PHE A 314 -2.93 5.50 -3.87
N LEU A 315 -3.11 6.79 -3.60
CA LEU A 315 -3.65 7.70 -4.61
C LEU A 315 -2.55 8.28 -5.50
N ILE A 316 -1.40 8.61 -4.93
CA ILE A 316 -0.34 9.19 -5.75
C ILE A 316 0.45 8.11 -6.47
N ASN A 317 0.41 6.86 -5.99
CA ASN A 317 0.94 5.68 -6.67
C ASN A 317 -0.21 4.69 -6.88
N PRO A 318 -1.12 4.97 -7.81
CA PRO A 318 -2.37 4.18 -7.88
C PRO A 318 -2.18 2.73 -8.21
N GLU A 319 -1.04 2.33 -8.77
CA GLU A 319 -0.82 0.91 -9.01
C GLU A 319 -0.89 0.11 -7.72
N LEU A 320 -0.66 0.75 -6.57
CA LEU A 320 -0.87 0.09 -5.30
C LEU A 320 -2.30 -0.38 -5.13
N ILE A 321 -3.27 0.37 -5.68
CA ILE A 321 -4.68 0.06 -5.47
C ILE A 321 -5.01 -1.34 -5.94
N ILE A 322 -4.36 -1.82 -7.00
CA ILE A 322 -4.78 -3.12 -7.53
C ILE A 322 -4.44 -4.27 -6.60
N SER A 323 -3.57 -4.05 -5.59
CA SER A 323 -3.38 -5.07 -4.56
C SER A 323 -4.72 -5.48 -3.94
N ARG A 324 -5.69 -4.57 -3.91
CA ARG A 324 -6.99 -4.89 -3.34
C ARG A 324 -7.78 -5.90 -4.16
N LEU A 325 -7.44 -6.04 -5.44
CA LEU A 325 -8.11 -7.04 -6.26
C LEU A 325 -7.83 -8.45 -5.77
N PHE A 326 -6.62 -8.71 -5.29
CA PHE A 326 -6.20 -10.09 -5.05
C PHE A 326 -5.54 -10.35 -3.70
N THR A 327 -5.49 -9.36 -2.79
CA THR A 327 -4.80 -9.53 -1.51
C THR A 327 -5.79 -9.72 -0.37
N GLU A 328 -5.82 -10.92 0.20
CA GLU A 328 -6.71 -11.20 1.32
C GLU A 328 -6.26 -10.42 2.55
N VAL A 329 -7.22 -10.22 3.47
CA VAL A 329 -6.92 -9.47 4.69
C VAL A 329 -5.71 -10.09 5.38
N LEU A 330 -4.84 -9.22 5.89
CA LEU A 330 -3.58 -9.67 6.48
C LEU A 330 -3.82 -10.24 7.87
N ASP A 331 -3.27 -11.44 8.11
CA ASP A 331 -3.23 -11.99 9.45
C ASP A 331 -2.02 -11.43 10.22
N HIS A 332 -1.92 -11.78 11.49
CA HIS A 332 -0.95 -11.11 12.36
C HIS A 332 0.48 -11.33 11.90
N ASN A 333 0.76 -12.45 11.22
CA ASN A 333 2.13 -12.78 10.83
C ASN A 333 2.42 -12.50 9.35
N GLU A 334 1.64 -11.63 8.71
CA GLU A 334 1.76 -11.41 7.27
C GLU A 334 1.96 -9.94 6.93
N CYS A 335 2.53 -9.72 5.74
CA CYS A 335 2.64 -8.39 5.14
C CYS A 335 2.51 -8.52 3.63
N LEU A 336 2.40 -7.38 2.97
CA LEU A 336 2.41 -7.30 1.51
C LEU A 336 3.54 -6.36 1.10
N ILE A 337 4.39 -6.82 0.18
CA ILE A 337 5.54 -6.08 -0.32
C ILE A 337 5.29 -5.78 -1.79
N ILE A 338 5.30 -4.50 -2.15
CA ILE A 338 5.04 -4.09 -3.54
C ILE A 338 6.27 -3.35 -4.07
N THR A 339 6.84 -3.85 -5.15
CA THR A 339 8.04 -3.29 -5.74
C THR A 339 7.72 -2.83 -7.16
N GLY A 340 7.97 -1.55 -7.44
CA GLY A 340 7.87 -1.04 -8.79
C GLY A 340 6.77 -0.03 -9.04
N THR A 341 5.95 0.33 -8.04
CA THR A 341 4.91 1.30 -8.32
C THR A 341 5.52 2.67 -8.59
N GLU A 342 4.86 3.42 -9.46
CA GLU A 342 5.29 4.71 -9.95
C GLU A 342 4.45 5.83 -9.34
N GLN A 343 5.09 6.97 -9.08
CA GLN A 343 4.39 8.14 -8.55
C GLN A 343 3.91 8.99 -9.71
N TYR A 344 2.59 9.24 -9.77
CA TYR A 344 2.00 10.02 -10.85
C TYR A 344 1.53 11.41 -10.44
N SER A 345 1.36 11.67 -9.13
CA SER A 345 0.86 12.93 -8.63
C SER A 345 1.70 13.44 -7.47
N GLU A 346 1.71 14.77 -7.31
CA GLU A 346 2.17 15.44 -6.10
C GLU A 346 0.96 16.00 -5.37
N TYR A 347 1.12 16.20 -4.05
CA TYR A 347 0.01 16.61 -3.20
C TYR A 347 0.52 17.51 -2.08
N THR A 348 -0.43 18.15 -1.39
CA THR A 348 -0.18 18.83 -0.12
C THR A 348 -1.26 18.44 0.89
N GLY A 349 -0.96 18.68 2.17
CA GLY A 349 -1.93 18.43 3.22
C GLY A 349 -2.24 16.95 3.44
N TYR A 350 -3.28 16.72 4.25
CA TYR A 350 -3.75 15.38 4.55
C TYR A 350 -5.13 15.47 5.16
N ALA A 351 -5.91 14.39 5.02
CA ALA A 351 -7.27 14.35 5.52
C ALA A 351 -8.07 15.52 4.97
N GLU A 352 -8.53 16.41 5.85
CA GLU A 352 -9.39 17.49 5.38
C GLU A 352 -8.62 18.56 4.60
N THR A 353 -7.29 18.59 4.67
CA THR A 353 -6.50 19.55 3.93
C THR A 353 -5.81 18.95 2.72
N TYR A 354 -6.04 17.67 2.43
CA TYR A 354 -5.42 17.05 1.26
C TYR A 354 -5.87 17.75 -0.01
N ARG A 355 -4.91 18.03 -0.89
CA ARG A 355 -5.19 18.60 -2.19
C ARG A 355 -4.24 18.01 -3.21
N TRP A 356 -4.78 17.66 -4.37
CA TRP A 356 -3.95 17.32 -5.52
C TRP A 356 -3.22 18.57 -5.98
N SER A 357 -1.91 18.46 -6.19
CA SER A 357 -1.10 19.61 -6.60
C SER A 357 -0.83 19.63 -8.10
N ARG A 358 -0.32 18.54 -8.67
CA ARG A 358 0.14 18.57 -10.05
C ARG A 358 0.54 17.15 -10.44
N SER A 359 0.70 16.94 -11.74
CA SER A 359 1.29 15.71 -12.24
C SER A 359 2.76 15.62 -11.85
N HIS A 360 3.21 14.41 -11.59
CA HIS A 360 4.57 14.12 -11.16
C HIS A 360 5.24 13.21 -12.19
N GLU A 361 6.43 13.60 -12.64
CA GLU A 361 7.25 12.76 -13.52
C GLU A 361 8.21 11.96 -12.65
N ASP A 362 7.98 10.65 -12.55
CA ASP A 362 8.79 9.80 -11.69
C ASP A 362 10.16 9.61 -12.31
N GLY A 363 11.21 9.90 -11.54
CA GLY A 363 12.57 9.79 -12.00
C GLY A 363 13.33 8.66 -11.34
N SER A 364 12.61 7.73 -10.72
CA SER A 364 13.26 6.55 -10.16
C SER A 364 13.88 5.71 -11.26
N GLU A 365 15.07 5.18 -11.00
CA GLU A 365 15.66 4.18 -11.89
C GLU A 365 14.82 2.91 -11.86
N ARG A 366 14.95 2.11 -12.91
CA ARG A 366 14.33 0.79 -12.95
C ARG A 366 15.39 -0.29 -12.76
N ASP A 367 14.99 -1.41 -12.14
CA ASP A 367 15.91 -2.50 -11.91
C ASP A 367 15.90 -3.43 -13.13
N ASP A 368 16.61 -4.55 -13.04
CA ASP A 368 16.76 -5.45 -14.16
C ASP A 368 15.48 -6.15 -14.57
N TRP A 369 14.42 -6.05 -13.78
CA TRP A 369 13.09 -6.50 -14.18
C TRP A 369 12.21 -5.35 -14.64
N GLN A 370 12.81 -4.20 -14.97
CA GLN A 370 12.08 -3.00 -15.38
C GLN A 370 11.07 -2.55 -14.32
N ARG A 371 11.39 -2.75 -13.05
CA ARG A 371 10.59 -2.25 -11.94
C ARG A 371 11.21 -0.97 -11.39
N ARG A 372 10.40 0.08 -11.23
CA ARG A 372 10.89 1.25 -10.53
C ARG A 372 11.52 0.81 -9.21
N CYS A 373 12.62 1.46 -8.84
CA CYS A 373 13.34 1.12 -7.61
C CYS A 373 12.65 1.76 -6.42
N THR A 374 11.43 1.30 -6.20
CA THR A 374 10.57 1.79 -5.13
C THR A 374 9.92 0.57 -4.50
N GLU A 375 10.19 0.34 -3.22
CA GLU A 375 9.69 -0.82 -2.49
C GLU A 375 8.88 -0.31 -1.30
N ILE A 376 7.64 -0.75 -1.22
CA ILE A 376 6.69 -0.33 -0.19
C ILE A 376 6.19 -1.58 0.51
N VAL A 377 6.14 -1.55 1.84
CA VAL A 377 5.61 -2.68 2.59
C VAL A 377 4.42 -2.22 3.41
N ALA A 378 3.29 -2.92 3.25
CA ALA A 378 2.08 -2.68 4.01
C ALA A 378 2.11 -3.54 5.27
N ILE A 379 2.21 -2.90 6.42
CA ILE A 379 2.08 -3.56 7.71
C ILE A 379 1.02 -2.81 8.51
N ASP A 380 0.05 -3.55 9.04
CA ASP A 380 -1.06 -2.97 9.77
C ASP A 380 -0.77 -3.03 11.25
N ALA A 381 -0.80 -1.87 11.91
CA ALA A 381 -0.71 -1.83 13.36
C ALA A 381 -2.06 -2.20 13.98
N LEU A 382 -2.05 -2.46 15.27
CA LEU A 382 -3.29 -2.71 15.97
C LEU A 382 -4.02 -1.41 16.29
N HIS A 383 -5.34 -1.52 16.45
CA HIS A 383 -6.19 -0.42 16.86
C HIS A 383 -6.52 -0.60 18.33
N PHE A 384 -6.07 0.33 19.17
CA PHE A 384 -6.19 0.20 20.61
C PHE A 384 -7.35 1.07 21.10
N ARG A 385 -8.35 0.42 21.70
CA ARG A 385 -9.47 1.16 22.27
C ARG A 385 -9.06 1.88 23.54
N ARG A 386 -8.12 1.31 24.30
CA ARG A 386 -7.61 1.91 25.53
C ARG A 386 -6.11 2.09 25.37
N TYR A 387 -5.61 3.27 25.74
CA TYR A 387 -4.20 3.58 25.53
C TYR A 387 -3.30 2.54 26.18
N LEU A 388 -3.62 2.10 27.39
CA LEU A 388 -2.75 1.19 28.11
C LEU A 388 -2.75 -0.22 27.51
N ASP A 389 -3.71 -0.56 26.66
CA ASP A 389 -3.75 -1.90 26.08
C ASP A 389 -2.48 -2.24 25.30
N GLN A 390 -1.83 -1.24 24.70
CA GLN A 390 -0.73 -1.55 23.79
C GLN A 390 0.56 -1.94 24.52
N PHE A 391 0.63 -1.73 25.83
CA PHE A 391 1.79 -2.15 26.61
C PHE A 391 1.65 -3.58 27.14
N VAL A 392 0.51 -4.24 26.91
CA VAL A 392 0.40 -5.66 27.26
C VAL A 392 1.42 -6.45 26.46
N PRO A 393 2.20 -7.34 27.08
CA PRO A 393 3.25 -8.04 26.32
C PRO A 393 2.77 -8.73 25.06
N GLU A 394 1.62 -9.41 25.09
CA GLU A 394 1.10 -10.06 23.89
C GLU A 394 0.94 -9.05 22.75
N LYS A 395 0.55 -7.82 23.08
CA LYS A 395 0.33 -6.80 22.05
C LYS A 395 1.64 -6.16 21.60
N MET A 396 2.60 -5.99 22.50
CA MET A 396 3.92 -5.52 22.07
C MET A 396 4.60 -6.55 21.18
N ARG A 397 4.56 -7.83 21.56
CA ARG A 397 5.15 -8.88 20.74
C ARG A 397 4.49 -8.94 19.36
N ARG A 398 3.17 -8.77 19.33
CA ARG A 398 2.44 -8.78 18.06
C ARG A 398 2.99 -7.70 17.11
N GLU A 399 3.14 -6.47 17.62
CA GLU A 399 3.62 -5.37 16.78
C GLU A 399 5.07 -5.60 16.37
N LEU A 400 5.90 -6.10 17.30
CA LEU A 400 7.27 -6.47 16.97
C LEU A 400 7.30 -7.47 15.81
N ASN A 401 6.47 -8.52 15.89
CA ASN A 401 6.50 -9.57 14.88
C ASN A 401 5.93 -9.09 13.56
N LYS A 402 4.94 -8.21 13.59
CA LYS A 402 4.40 -7.64 12.36
C LYS A 402 5.47 -6.82 11.64
N ALA A 403 6.14 -5.93 12.37
CA ALA A 403 7.18 -5.12 11.75
C ALA A 403 8.33 -5.99 11.28
N TYR A 404 8.71 -6.98 12.08
CA TYR A 404 9.76 -7.90 11.69
C TYR A 404 9.43 -8.59 10.37
N CYS A 405 8.20 -9.09 10.24
CA CYS A 405 7.80 -9.72 8.98
C CYS A 405 7.90 -8.74 7.81
N GLY A 406 7.54 -7.48 8.04
CA GLY A 406 7.61 -6.49 6.98
C GLY A 406 9.03 -6.11 6.59
N PHE A 407 9.97 -6.22 7.53
CA PHE A 407 11.35 -5.82 7.28
C PHE A 407 12.23 -6.98 6.84
N LEU A 408 11.89 -8.21 7.20
CA LEU A 408 12.76 -9.34 6.94
C LEU A 408 12.72 -9.72 5.47
N ARG A 409 13.90 -10.06 4.92
CA ARG A 409 14.04 -10.60 3.57
C ARG A 409 14.87 -11.86 3.67
N PRO A 410 14.23 -13.02 3.85
CA PRO A 410 14.98 -14.28 3.91
C PRO A 410 15.87 -14.46 2.69
N GLY A 411 17.13 -14.82 2.95
CA GLY A 411 18.07 -15.12 1.89
C GLY A 411 18.83 -13.94 1.34
N VAL A 412 18.81 -12.80 2.04
CA VAL A 412 19.50 -11.59 1.59
C VAL A 412 20.48 -11.15 2.68
N SER A 413 21.72 -10.89 2.29
CA SER A 413 22.69 -10.35 3.22
C SER A 413 22.29 -8.95 3.67
N SER A 414 22.61 -8.62 4.93
CA SER A 414 22.28 -7.31 5.46
C SER A 414 22.93 -6.19 4.66
N GLU A 415 24.12 -6.45 4.10
CA GLU A 415 24.79 -5.45 3.27
C GLU A 415 23.98 -5.08 2.05
N ASN A 416 23.06 -5.95 1.62
CA ASN A 416 22.25 -5.68 0.44
C ASN A 416 20.85 -5.19 0.78
N LEU A 417 20.60 -4.84 2.05
CA LEU A 417 19.27 -4.41 2.49
C LEU A 417 19.26 -2.90 2.70
N SER A 418 18.36 -2.21 2.00
CA SER A 418 18.17 -0.79 2.22
C SER A 418 17.73 -0.52 3.66
N ALA A 419 17.92 0.73 4.09
CA ALA A 419 17.35 1.17 5.34
C ALA A 419 15.82 1.17 5.26
N VAL A 420 15.19 1.13 6.43
CA VAL A 420 13.74 1.25 6.55
C VAL A 420 13.38 2.72 6.71
N ALA A 421 12.47 3.21 5.88
CA ALA A 421 11.95 4.57 5.98
C ALA A 421 10.54 4.49 6.56
N THR A 422 10.36 5.06 7.75
CA THR A 422 9.10 4.88 8.47
C THR A 422 8.82 6.11 9.32
N GLY A 423 7.83 5.99 10.20
CA GLY A 423 7.38 7.08 11.03
C GLY A 423 6.45 6.56 12.12
N ASN A 424 5.53 7.41 12.59
CA ASN A 424 4.67 7.07 13.74
C ASN A 424 3.57 6.09 13.32
N TRP A 425 4.00 4.87 13.02
CA TRP A 425 3.11 3.79 12.59
C TRP A 425 2.01 3.51 13.61
N GLY A 426 0.75 3.63 13.17
CA GLY A 426 -0.41 3.34 14.00
C GLY A 426 -0.71 4.33 15.09
N CYS A 427 -0.21 5.57 14.99
CA CYS A 427 -0.30 6.54 16.07
C CYS A 427 -1.31 7.65 15.82
N GLY A 428 -2.21 7.47 14.87
CA GLY A 428 -3.28 8.43 14.73
C GLY A 428 -4.57 7.88 15.31
N ALA A 429 -5.52 7.56 14.43
CA ALA A 429 -6.79 7.02 14.89
C ALA A 429 -6.63 5.69 15.62
N PHE A 430 -5.53 4.97 15.39
CA PHE A 430 -5.37 3.66 16.03
C PHE A 430 -4.82 3.76 17.45
N GLY A 431 -4.50 4.95 17.95
CA GLY A 431 -4.21 5.13 19.36
C GLY A 431 -2.82 4.70 19.81
N GLY A 432 -1.90 4.45 18.88
CA GLY A 432 -0.57 4.03 19.28
C GLY A 432 0.20 5.15 19.94
N ASP A 433 1.10 4.77 20.84
CA ASP A 433 2.04 5.69 21.46
C ASP A 433 3.27 5.80 20.56
N ALA A 434 3.59 7.04 20.12
CA ALA A 434 4.68 7.22 19.16
C ALA A 434 6.01 6.74 19.74
N ARG A 435 6.25 7.02 21.01
CA ARG A 435 7.56 6.66 21.58
C ARG A 435 7.69 5.14 21.69
N LEU A 436 6.61 4.44 22.03
CA LEU A 436 6.67 2.98 22.05
C LEU A 436 6.81 2.43 20.64
N LYS A 437 5.98 2.90 19.70
CA LYS A 437 6.02 2.35 18.35
C LYS A 437 7.35 2.62 17.68
N ALA A 438 7.99 3.75 17.98
CA ALA A 438 9.32 4.01 17.45
C ALA A 438 10.32 2.97 17.95
N LEU A 439 10.28 2.67 19.25
CA LEU A 439 11.22 1.70 19.80
C LEU A 439 10.94 0.30 19.28
N ILE A 440 9.66 -0.06 19.15
CA ILE A 440 9.30 -1.36 18.58
C ILE A 440 9.86 -1.50 17.17
N GLN A 441 9.72 -0.46 16.35
CA GLN A 441 10.25 -0.54 14.99
C GLN A 441 11.77 -0.60 14.99
N ILE A 442 12.41 0.12 15.91
CA ILE A 442 13.86 0.05 16.02
C ILE A 442 14.32 -1.36 16.37
N LEU A 443 13.59 -2.04 17.27
CA LEU A 443 13.98 -3.40 17.65
C LEU A 443 13.76 -4.38 16.51
N ALA A 444 12.64 -4.23 15.80
CA ALA A 444 12.36 -5.11 14.66
C ALA A 444 13.37 -4.92 13.55
N ALA A 445 13.70 -3.66 13.24
CA ALA A 445 14.73 -3.39 12.24
C ALA A 445 16.07 -3.98 12.66
N ALA A 446 16.39 -3.88 13.95
CA ALA A 446 17.65 -4.47 14.43
C ALA A 446 17.67 -5.97 14.23
N ALA A 447 16.55 -6.64 14.56
CA ALA A 447 16.48 -8.09 14.38
C ALA A 447 16.56 -8.47 12.90
N ALA A 448 16.02 -7.63 12.02
CA ALA A 448 16.13 -7.87 10.59
C ALA A 448 17.43 -7.33 10.00
N GLU A 449 18.31 -6.76 10.84
CA GLU A 449 19.61 -6.25 10.41
C GLU A 449 19.48 -5.13 9.39
N ARG A 450 18.55 -4.20 9.63
CA ARG A 450 18.35 -3.03 8.81
C ARG A 450 18.46 -1.76 9.65
N ASP A 451 18.99 -0.70 9.03
CA ASP A 451 19.02 0.62 9.65
C ASP A 451 17.64 1.28 9.51
N VAL A 452 17.43 2.36 10.28
CA VAL A 452 16.13 3.01 10.38
C VAL A 452 16.26 4.48 10.04
N VAL A 453 15.41 4.94 9.14
CA VAL A 453 15.21 6.37 8.83
C VAL A 453 13.80 6.71 9.28
N TYR A 454 13.67 7.63 10.23
CA TYR A 454 12.42 7.86 10.95
C TYR A 454 11.98 9.30 10.77
N PHE A 455 10.76 9.50 10.26
CA PHE A 455 10.18 10.81 10.01
C PHE A 455 9.09 11.11 11.03
N THR A 456 9.28 12.18 11.82
CA THR A 456 8.32 12.52 12.87
C THR A 456 7.26 13.52 12.42
N PHE A 457 7.28 13.97 11.17
CA PHE A 457 6.17 14.74 10.61
C PHE A 457 5.93 16.03 11.41
N GLY A 458 7.00 16.79 11.59
CA GLY A 458 6.89 18.11 12.22
C GLY A 458 7.06 18.12 13.72
N ASP A 459 7.19 16.97 14.37
CA ASP A 459 7.31 16.89 15.82
C ASP A 459 8.79 16.89 16.18
N SER A 460 9.33 18.06 16.48
CA SER A 460 10.75 18.17 16.78
C SER A 460 11.08 17.56 18.14
N GLU A 461 10.19 17.72 19.12
CA GLU A 461 10.44 17.13 20.44
C GLU A 461 10.53 15.61 20.34
N LEU A 462 9.67 15.00 19.53
CA LEU A 462 9.70 13.55 19.37
C LEU A 462 11.00 13.11 18.69
N MET A 463 11.45 13.85 17.68
CA MET A 463 12.73 13.56 17.05
C MET A 463 13.84 13.51 18.10
N ARG A 464 13.92 14.54 18.94
CA ARG A 464 14.95 14.59 19.98
C ARG A 464 14.82 13.41 20.93
N ASP A 465 13.58 13.08 21.33
CA ASP A 465 13.38 12.01 22.29
C ASP A 465 13.81 10.66 21.74
N ILE A 466 13.43 10.35 20.49
CA ILE A 466 13.82 9.08 19.88
C ILE A 466 15.32 9.01 19.72
N TYR A 467 15.95 10.09 19.22
CA TYR A 467 17.41 10.10 19.11
C TYR A 467 18.08 9.87 20.46
N SER A 468 17.62 10.57 21.49
CA SER A 468 18.24 10.45 22.80
C SER A 468 18.17 9.03 23.34
N MET A 469 17.01 8.40 23.21
CA MET A 469 16.87 7.02 23.67
C MET A 469 17.76 6.08 22.87
N HIS A 470 17.77 6.25 21.55
CA HIS A 470 18.57 5.36 20.70
C HIS A 470 20.04 5.44 21.05
N ILE A 471 20.57 6.66 21.23
CA ILE A 471 21.99 6.80 21.54
C ILE A 471 22.28 6.28 22.95
N PHE A 472 21.36 6.55 23.89
CA PHE A 472 21.50 6.00 25.24
C PHE A 472 21.64 4.49 25.22
N LEU A 473 20.76 3.80 24.50
CA LEU A 473 20.78 2.34 24.49
C LEU A 473 22.00 1.80 23.75
N THR A 474 22.37 2.41 22.62
CA THR A 474 23.51 1.90 21.86
C THR A 474 24.82 2.15 22.59
N GLU A 475 24.97 3.33 23.20
CA GLU A 475 26.21 3.63 23.93
C GLU A 475 26.42 2.65 25.09
N ARG A 476 25.34 2.19 25.71
CA ARG A 476 25.43 1.20 26.76
C ARG A 476 25.35 -0.23 26.23
N LYS A 477 25.34 -0.40 24.91
CA LYS A 477 25.47 -1.70 24.26
C LYS A 477 24.33 -2.65 24.61
N LEU A 478 23.14 -2.12 24.86
CA LEU A 478 21.99 -2.98 25.13
C LEU A 478 21.56 -3.71 23.87
N THR A 479 21.31 -5.01 23.99
CA THR A 479 20.82 -5.83 22.90
C THR A 479 19.32 -5.64 22.72
N VAL A 480 18.81 -6.19 21.61
CA VAL A 480 17.36 -6.20 21.38
C VAL A 480 16.65 -6.80 22.59
N GLY A 481 17.15 -7.93 23.09
CA GLY A 481 16.50 -8.59 24.22
C GLY A 481 16.58 -7.79 25.51
N ASP A 482 17.71 -7.11 25.73
CA ASP A 482 17.81 -6.22 26.88
C ASP A 482 16.70 -5.19 26.87
N VAL A 483 16.45 -4.59 25.71
CA VAL A 483 15.42 -3.55 25.61
C VAL A 483 14.03 -4.16 25.76
N TYR A 484 13.79 -5.31 25.11
CA TYR A 484 12.47 -5.92 25.21
C TYR A 484 12.12 -6.22 26.67
N LYS A 485 13.09 -6.68 27.46
CA LYS A 485 12.78 -6.99 28.85
C LYS A 485 12.49 -5.73 29.64
N LEU A 486 13.06 -4.59 29.24
CA LEU A 486 12.70 -3.32 29.87
C LEU A 486 11.26 -2.94 29.55
N LEU A 487 10.82 -3.20 28.31
CA LEU A 487 9.42 -2.99 27.98
C LEU A 487 8.51 -3.84 28.86
N LEU A 488 8.89 -5.11 29.07
CA LEU A 488 8.10 -5.98 29.94
C LEU A 488 8.07 -5.44 31.35
N ARG A 489 9.22 -4.94 31.84
CA ARG A 489 9.25 -4.35 33.17
C ARG A 489 8.32 -3.16 33.26
N TYR A 490 8.32 -2.30 32.24
CA TYR A 490 7.45 -1.14 32.25
C TYR A 490 6.00 -1.56 32.38
N TYR A 491 5.57 -2.54 31.58
CA TYR A 491 4.21 -3.04 31.69
C TYR A 491 3.91 -3.46 33.12
N ASN A 492 4.74 -4.33 33.69
CA ASN A 492 4.43 -4.88 34.99
C ASN A 492 4.46 -3.82 36.08
N GLU A 493 5.41 -2.89 36.01
CA GLU A 493 5.60 -1.93 37.08
C GLU A 493 4.70 -0.70 36.98
N GLU A 494 4.25 -0.35 35.77
CA GLU A 494 3.49 0.89 35.58
C GLU A 494 2.17 0.74 34.84
N CYS A 495 1.89 -0.40 34.21
CA CYS A 495 0.68 -0.56 33.43
C CYS A 495 -0.26 -1.64 33.94
N ARG A 496 0.28 -2.80 34.36
CA ARG A 496 -0.57 -3.95 34.66
C ARG A 496 -1.60 -3.63 35.74
N ASN A 497 -1.17 -3.00 36.83
CA ASN A 497 -2.06 -2.72 37.96
C ASN A 497 -2.44 -1.24 38.03
N CYS A 498 -2.32 -0.52 36.92
CA CYS A 498 -2.65 0.91 36.91
C CYS A 498 -4.17 1.11 36.98
N GLY A 502 -4.10 6.43 32.31
CA GLY A 502 -2.72 6.68 31.93
C GLY A 502 -1.74 6.29 33.02
N PRO A 503 -0.50 6.00 32.64
CA PRO A 503 0.50 5.56 33.63
C PRO A 503 1.09 6.71 34.43
N ASP A 504 1.54 6.37 35.64
CA ASP A 504 2.17 7.37 36.51
C ASP A 504 3.49 7.87 35.93
N ILE A 505 4.27 6.97 35.32
CA ILE A 505 5.57 7.29 34.74
C ILE A 505 5.53 6.94 33.27
N LYS A 506 6.13 7.78 32.43
CA LYS A 506 6.18 7.52 31.00
C LYS A 506 7.29 6.54 30.65
N LEU A 507 7.21 5.98 29.43
CA LEU A 507 8.05 4.85 29.05
C LEU A 507 9.53 5.22 29.02
N TYR A 508 9.88 6.29 28.29
CA TYR A 508 11.31 6.59 28.15
C TYR A 508 11.91 6.99 29.48
N PRO A 509 11.29 7.86 30.29
CA PRO A 509 11.82 8.11 31.65
C PRO A 509 12.00 6.84 32.46
N PHE A 510 11.04 5.91 32.40
CA PHE A 510 11.20 4.64 33.09
C PHE A 510 12.46 3.91 32.63
N ILE A 511 12.70 3.86 31.33
CA ILE A 511 13.84 3.11 30.80
C ILE A 511 15.15 3.73 31.26
N TYR A 512 15.27 5.06 31.15
CA TYR A 512 16.47 5.74 31.63
C TYR A 512 16.73 5.39 33.09
N HIS A 513 15.70 5.48 33.93
CA HIS A 513 15.89 5.24 35.36
C HIS A 513 16.27 3.79 35.63
N ALA A 514 15.61 2.86 34.95
CA ALA A 514 15.88 1.44 35.19
C ALA A 514 17.32 1.10 34.84
N VAL A 515 17.82 1.60 33.71
CA VAL A 515 19.18 1.27 33.28
C VAL A 515 20.19 2.01 34.16
N GLU A 516 19.99 3.30 34.38
CA GLU A 516 20.90 4.07 35.22
C GLU A 516 20.91 3.54 36.66
N SER A 517 19.88 2.79 37.05
CA SER A 517 19.82 2.20 38.38
C SER A 517 20.70 0.96 38.45
#